data_6RP4
#
_entry.id   6RP4
#
_cell.length_a   165.579
_cell.length_b   165.579
_cell.length_c   68.712
_cell.angle_alpha   90.000
_cell.angle_beta   90.000
_cell.angle_gamma   120.000
#
_symmetry.space_group_name_H-M   'P 63'
#
loop_
_entity.id
_entity.type
_entity.pdbx_description
1 polymer 'Adenosine monophosphate-protein hydrolase SidD'
2 non-polymer 'ZINC ION'
3 non-polymer GLYCEROL
4 non-polymer 'MAGNESIUM ION'
5 non-polymer 'SODIUM ION'
6 water water
#
_entity_poly.entity_id   1
_entity_poly.type   'polypeptide(L)'
_entity_poly.pdbx_seq_one_letter_code
;SIGVSDGLLSYIKNENENKGFLGIYGFFTGADKNIEKATLYKNLIAKYQNNHFISLIILSALVSDSKTPLMTQYLVGYLD
FPSKALLANKITELLLKELENPDMREILGSRLATDVIEELETKIIRYIHNPAGSDIHSTLNLWTADKIKAATNSSLTI
;
_entity_poly.pdbx_strand_id   A,B,C,D
#
# COMPACT_ATOMS: atom_id res chain seq x y z
N GLY A 20 -26.71 11.72 -17.29
CA GLY A 20 -26.18 10.37 -17.32
C GLY A 20 -24.81 10.31 -17.98
N PHE A 21 -23.76 10.18 -17.16
CA PHE A 21 -22.40 10.29 -17.67
C PHE A 21 -22.00 9.12 -18.54
N LEU A 22 -22.76 8.03 -18.53
CA LEU A 22 -22.48 6.90 -19.42
C LEU A 22 -23.52 6.85 -20.54
N GLY A 23 -24.78 6.70 -20.16
CA GLY A 23 -25.90 6.78 -21.09
C GLY A 23 -25.76 5.94 -22.34
N ILE A 24 -25.83 4.63 -22.18
CA ILE A 24 -25.78 3.71 -23.32
C ILE A 24 -27.09 2.92 -23.40
N PHE A 27 -19.01 4.11 -27.61
CA PHE A 27 -19.52 3.11 -28.55
C PHE A 27 -18.46 2.78 -29.60
N PHE A 28 -18.38 3.61 -30.64
CA PHE A 28 -17.36 3.47 -31.67
C PHE A 28 -16.39 4.65 -31.57
N THR A 29 -15.10 4.34 -31.54
CA THR A 29 -14.09 5.38 -31.47
C THR A 29 -13.43 5.56 -32.83
N GLY A 30 -12.63 4.59 -33.25
CA GLY A 30 -11.88 4.74 -34.50
C GLY A 30 -11.09 6.02 -34.55
N ALA A 31 -10.49 6.40 -33.41
CA ALA A 31 -9.92 7.72 -33.21
C ALA A 31 -8.46 7.58 -32.85
N ASP A 32 -7.57 7.74 -33.83
CA ASP A 32 -6.12 7.74 -33.61
C ASP A 32 -5.69 6.50 -32.84
N LYS A 33 -6.34 5.37 -33.14
CA LYS A 33 -6.18 4.15 -32.37
C LYS A 33 -4.81 3.51 -32.64
N ASN A 34 -4.45 2.58 -31.76
CA ASN A 34 -3.13 1.96 -31.75
C ASN A 34 -3.15 0.64 -32.54
N ILE A 35 -2.26 -0.29 -32.18
CA ILE A 35 -1.93 -1.44 -33.01
C ILE A 35 -2.99 -2.52 -32.86
N GLU A 36 -2.60 -3.76 -33.23
CA GLU A 36 -3.42 -4.95 -33.06
C GLU A 36 -4.37 -4.84 -31.88
N LYS A 37 -3.88 -4.39 -30.72
CA LYS A 37 -4.69 -4.39 -29.51
C LYS A 37 -5.98 -3.60 -29.69
N ALA A 38 -5.93 -2.49 -30.43
CA ALA A 38 -7.14 -1.73 -30.73
C ALA A 38 -8.09 -2.54 -31.61
N THR A 39 -7.55 -3.29 -32.56
CA THR A 39 -8.38 -4.13 -33.41
C THR A 39 -8.98 -5.28 -32.62
N LEU A 40 -8.17 -5.95 -31.78
CA LEU A 40 -8.68 -7.05 -30.99
C LEU A 40 -9.78 -6.59 -30.04
N TYR A 41 -9.63 -5.41 -29.44
CA TYR A 41 -10.68 -4.88 -28.58
C TYR A 41 -11.93 -4.57 -29.39
N LYS A 42 -11.77 -3.93 -30.55
CA LYS A 42 -12.91 -3.55 -31.36
C LYS A 42 -13.73 -4.76 -31.79
N ASN A 43 -13.05 -5.85 -32.16
CA ASN A 43 -13.76 -7.05 -32.59
C ASN A 43 -14.49 -7.71 -31.43
N LEU A 44 -13.90 -7.67 -30.23
CA LEU A 44 -14.58 -8.20 -29.06
C LEU A 44 -15.84 -7.40 -28.74
N ILE A 45 -15.74 -6.08 -28.83
CA ILE A 45 -16.89 -5.22 -28.55
C ILE A 45 -18.02 -5.47 -29.54
N ALA A 46 -17.67 -5.76 -30.80
CA ALA A 46 -18.70 -5.94 -31.81
C ALA A 46 -19.52 -7.20 -31.58
N LYS A 47 -18.86 -8.31 -31.24
CA LYS A 47 -19.59 -9.57 -31.06
C LYS A 47 -20.55 -9.50 -29.88
N TYR A 48 -20.11 -8.92 -28.77
CA TYR A 48 -20.93 -8.82 -27.56
C TYR A 48 -21.51 -7.43 -27.38
N GLN A 49 -21.79 -6.72 -28.48
CA GLN A 49 -22.30 -5.37 -28.38
C GLN A 49 -23.66 -5.31 -27.70
N ASN A 50 -24.55 -6.26 -28.05
CA ASN A 50 -25.88 -6.28 -27.47
C ASN A 50 -25.91 -6.87 -26.06
N ASN A 51 -24.83 -7.50 -25.62
CA ASN A 51 -24.70 -7.96 -24.25
C ASN A 51 -24.17 -6.82 -23.39
N HIS A 52 -24.92 -6.43 -22.36
CA HIS A 52 -24.55 -5.29 -21.54
C HIS A 52 -23.60 -5.66 -20.40
N PHE A 53 -23.65 -6.90 -19.92
CA PHE A 53 -22.70 -7.31 -18.89
C PHE A 53 -21.31 -7.52 -19.49
N ILE A 54 -21.24 -8.20 -20.63
CA ILE A 54 -19.95 -8.49 -21.25
C ILE A 54 -19.34 -7.21 -21.84
N SER A 55 -20.18 -6.29 -22.31
CA SER A 55 -19.67 -5.03 -22.82
C SER A 55 -18.91 -4.26 -21.74
N LEU A 56 -19.53 -4.08 -20.57
CA LEU A 56 -18.87 -3.40 -19.47
C LEU A 56 -17.61 -4.14 -19.04
N ILE A 57 -17.64 -5.48 -19.08
CA ILE A 57 -16.47 -6.26 -18.73
C ILE A 57 -15.33 -5.97 -19.69
N ILE A 58 -15.64 -5.86 -20.98
CA ILE A 58 -14.61 -5.56 -21.97
C ILE A 58 -14.09 -4.14 -21.78
N LEU A 59 -15.01 -3.19 -21.62
CA LEU A 59 -14.62 -1.80 -21.36
C LEU A 59 -13.74 -1.71 -20.10
N SER A 60 -14.12 -2.42 -19.04
CA SER A 60 -13.35 -2.37 -17.81
C SER A 60 -11.95 -2.95 -18.01
N ALA A 61 -11.84 -4.02 -18.79
CA ALA A 61 -10.51 -4.53 -19.13
C ALA A 61 -9.73 -3.54 -19.96
N LEU A 62 -10.40 -2.85 -20.88
CA LEU A 62 -9.74 -1.84 -21.70
C LEU A 62 -9.22 -0.69 -20.85
N VAL A 63 -10.08 -0.16 -19.97
CA VAL A 63 -9.67 0.93 -19.09
C VAL A 63 -8.54 0.48 -18.17
N SER A 64 -8.64 -0.74 -17.63
CA SER A 64 -7.57 -1.26 -16.80
C SER A 64 -6.34 -1.60 -17.62
N ASP A 65 -6.49 -1.84 -18.92
CA ASP A 65 -5.35 -2.20 -19.76
C ASP A 65 -4.34 -1.06 -19.78
N SER A 66 -3.11 -1.35 -19.36
CA SER A 66 -2.06 -0.35 -19.38
C SER A 66 -1.55 -0.05 -20.78
N LYS A 67 -1.91 -0.86 -21.78
CA LYS A 67 -1.46 -0.69 -23.14
C LYS A 67 -2.49 0.03 -24.01
N THR A 68 -3.48 0.67 -23.41
CA THR A 68 -4.47 1.46 -24.14
C THR A 68 -4.62 2.83 -23.52
N PRO A 69 -3.53 3.61 -23.41
CA PRO A 69 -3.63 4.88 -22.69
C PRO A 69 -4.42 5.93 -23.45
N LEU A 70 -4.22 6.05 -24.76
CA LEU A 70 -4.92 7.08 -25.52
C LEU A 70 -6.39 6.74 -25.69
N MET A 71 -6.71 5.47 -25.94
CA MET A 71 -8.12 5.07 -26.01
C MET A 71 -8.81 5.29 -24.66
N THR A 72 -8.11 4.98 -23.57
CA THR A 72 -8.67 5.20 -22.24
C THR A 72 -8.92 6.69 -22.00
N GLN A 73 -7.90 7.52 -22.25
CA GLN A 73 -8.07 8.96 -22.05
C GLN A 73 -9.18 9.52 -22.92
N TYR A 74 -9.34 8.99 -24.13
CA TYR A 74 -10.47 9.40 -24.96
C TYR A 74 -11.79 9.05 -24.28
N LEU A 75 -11.89 7.82 -23.75
CA LEU A 75 -13.14 7.40 -23.12
C LEU A 75 -13.41 8.17 -21.84
N VAL A 76 -12.36 8.47 -21.06
CA VAL A 76 -12.53 9.24 -19.85
C VAL A 76 -13.09 10.63 -20.18
N GLY A 77 -12.51 11.27 -21.20
CA GLY A 77 -13.03 12.57 -21.61
C GLY A 77 -14.40 12.48 -22.25
N TYR A 78 -14.60 11.49 -23.12
CA TYR A 78 -15.86 11.37 -23.83
C TYR A 78 -17.02 11.14 -22.86
N LEU A 79 -16.78 10.40 -21.78
CA LEU A 79 -17.82 10.07 -20.82
C LEU A 79 -17.91 11.09 -19.68
N ASP A 80 -17.21 12.22 -19.82
CA ASP A 80 -17.30 13.32 -18.85
C ASP A 80 -16.78 12.85 -17.48
N PHE A 81 -15.66 12.15 -17.49
CA PHE A 81 -15.16 11.78 -16.17
C PHE A 81 -13.85 12.51 -15.90
N PRO A 82 -13.63 12.94 -14.66
CA PRO A 82 -12.40 13.70 -14.36
C PRO A 82 -11.14 12.88 -14.46
N SER A 83 -11.22 11.55 -14.43
CA SER A 83 -10.02 10.74 -14.40
C SER A 83 -10.36 9.30 -14.73
N LYS A 84 -9.31 8.49 -14.90
CA LYS A 84 -9.48 7.08 -15.18
C LYS A 84 -10.06 6.33 -13.98
N ALA A 85 -9.58 6.66 -12.77
CA ALA A 85 -10.03 5.94 -11.58
C ALA A 85 -11.52 6.16 -11.33
N LEU A 86 -12.01 7.37 -11.58
CA LEU A 86 -13.44 7.62 -11.42
C LEU A 86 -14.26 6.90 -12.49
N LEU A 87 -13.71 6.76 -13.69
CA LEU A 87 -14.38 5.97 -14.72
C LEU A 87 -14.38 4.49 -14.35
N ALA A 88 -13.21 3.96 -13.95
CA ALA A 88 -13.12 2.56 -13.57
C ALA A 88 -14.03 2.23 -12.38
N ASN A 89 -14.20 3.20 -11.46
CA ASN A 89 -15.08 2.97 -10.33
C ASN A 89 -16.53 2.82 -10.77
N LYS A 90 -16.99 3.70 -11.68
CA LYS A 90 -18.37 3.62 -12.13
C LYS A 90 -18.63 2.33 -12.91
N ILE A 91 -17.65 1.85 -13.67
CA ILE A 91 -17.84 0.60 -14.42
C ILE A 91 -17.97 -0.57 -13.47
N THR A 92 -17.05 -0.68 -12.50
CA THR A 92 -17.16 -1.72 -11.48
C THR A 92 -18.50 -1.65 -10.78
N GLU A 93 -18.99 -0.44 -10.51
CA GLU A 93 -20.30 -0.27 -9.88
C GLU A 93 -21.41 -0.86 -10.74
N LEU A 94 -21.44 -0.49 -12.02
CA LEU A 94 -22.43 -1.06 -12.94
C LEU A 94 -22.27 -2.57 -13.03
N LEU A 95 -21.03 -3.05 -12.98
CA LEU A 95 -20.78 -4.49 -13.05
C LEU A 95 -21.40 -5.22 -11.86
N LEU A 96 -21.25 -4.67 -10.65
CA LEU A 96 -21.82 -5.30 -9.47
C LEU A 96 -23.34 -5.23 -9.48
N LYS A 97 -23.90 -4.12 -9.98
CA LYS A 97 -25.35 -4.01 -10.06
C LYS A 97 -25.92 -4.91 -11.16
N GLU A 98 -25.11 -5.21 -12.18
CA GLU A 98 -25.51 -6.21 -13.17
C GLU A 98 -25.60 -7.59 -12.53
N LEU A 99 -24.66 -7.90 -11.63
CA LEU A 99 -24.61 -9.18 -10.95
C LEU A 99 -25.50 -9.23 -9.71
N GLU A 100 -26.37 -8.25 -9.51
CA GLU A 100 -27.26 -8.26 -8.35
C GLU A 100 -28.61 -8.91 -8.67
N ASN A 101 -28.53 -10.11 -9.25
CA ASN A 101 -29.63 -11.05 -9.37
C ASN A 101 -30.79 -10.62 -10.26
N PRO A 102 -30.54 -10.07 -11.47
CA PRO A 102 -31.55 -10.22 -12.51
C PRO A 102 -31.52 -11.61 -13.13
N ASP A 103 -30.33 -12.17 -13.33
CA ASP A 103 -30.20 -13.51 -13.90
C ASP A 103 -28.95 -14.24 -13.41
N MET A 104 -27.81 -13.54 -13.38
CA MET A 104 -26.50 -14.17 -13.20
C MET A 104 -26.15 -14.48 -11.75
N ARG A 105 -27.02 -14.18 -10.79
CA ARG A 105 -26.88 -14.81 -9.48
C ARG A 105 -26.98 -16.32 -9.62
N GLU A 106 -27.82 -16.79 -10.55
CA GLU A 106 -27.81 -18.19 -10.96
C GLU A 106 -26.41 -18.61 -11.41
N ILE A 107 -25.75 -17.77 -12.21
CA ILE A 107 -24.43 -18.10 -12.72
C ILE A 107 -23.35 -17.78 -11.69
N LEU A 108 -23.62 -16.82 -10.79
CA LEU A 108 -22.64 -16.48 -9.76
C LEU A 108 -22.41 -17.65 -8.81
N GLY A 109 -23.46 -18.09 -8.14
CA GLY A 109 -23.36 -19.28 -7.30
C GLY A 109 -22.44 -19.05 -6.12
N SER A 110 -21.42 -19.90 -6.01
CA SER A 110 -20.53 -19.89 -4.86
C SER A 110 -19.50 -18.75 -4.90
N ARG A 111 -19.18 -18.24 -6.10
CA ARG A 111 -18.14 -17.23 -6.23
C ARG A 111 -18.69 -15.85 -5.93
N LEU A 112 -17.87 -15.02 -5.32
CA LEU A 112 -18.26 -13.64 -5.07
C LEU A 112 -18.04 -12.81 -6.33
N ALA A 113 -18.80 -11.73 -6.44
CA ALA A 113 -18.78 -10.94 -7.67
C ALA A 113 -17.43 -10.29 -7.91
N THR A 114 -16.66 -10.02 -6.85
CA THR A 114 -15.42 -9.27 -7.00
C THR A 114 -14.36 -10.09 -7.72
N ASP A 115 -14.23 -11.37 -7.39
CA ASP A 115 -13.23 -12.21 -8.05
C ASP A 115 -13.66 -12.60 -9.46
N VAL A 116 -14.96 -12.79 -9.69
CA VAL A 116 -15.44 -13.11 -11.03
C VAL A 116 -15.18 -11.95 -11.98
N ILE A 117 -15.53 -10.74 -11.56
CA ILE A 117 -15.22 -9.55 -12.35
C ILE A 117 -13.72 -9.48 -12.62
N GLU A 118 -12.91 -9.58 -11.57
CA GLU A 118 -11.47 -9.51 -11.74
C GLU A 118 -10.94 -10.71 -12.53
N GLU A 119 -11.65 -11.84 -12.50
CA GLU A 119 -11.25 -12.99 -13.30
C GLU A 119 -11.54 -12.75 -14.77
N LEU A 120 -12.73 -12.24 -15.09
CA LEU A 120 -13.10 -11.99 -16.47
C LEU A 120 -12.25 -10.88 -17.09
N GLU A 121 -12.05 -9.79 -16.36
CA GLU A 121 -11.23 -8.69 -16.86
C GLU A 121 -9.81 -9.15 -17.14
N THR A 122 -9.22 -9.91 -16.21
CA THR A 122 -7.85 -10.35 -16.38
C THR A 122 -7.71 -11.29 -17.58
N LYS A 123 -8.69 -12.17 -17.77
CA LYS A 123 -8.63 -13.09 -18.91
C LYS A 123 -8.70 -12.33 -20.24
N ILE A 124 -9.45 -11.23 -20.29
CA ILE A 124 -9.54 -10.44 -21.50
C ILE A 124 -8.22 -9.73 -21.77
N ILE A 125 -7.67 -9.07 -20.74
CA ILE A 125 -6.40 -8.36 -20.90
C ILE A 125 -5.30 -9.33 -21.32
N ARG A 126 -5.26 -10.51 -20.72
CA ARG A 126 -4.27 -11.50 -21.12
CA ARG A 126 -4.28 -11.50 -21.11
C ARG A 126 -4.53 -12.01 -22.54
N TYR A 127 -5.79 -12.00 -22.97
CA TYR A 127 -6.07 -12.35 -24.36
C TYR A 127 -5.61 -11.25 -25.30
N ILE A 128 -5.90 -9.98 -24.95
CA ILE A 128 -5.45 -8.86 -25.77
C ILE A 128 -3.93 -8.88 -25.90
N HIS A 129 -3.24 -9.17 -24.80
CA HIS A 129 -1.78 -9.22 -24.81
C HIS A 129 -1.25 -10.50 -25.43
N ASN A 130 -2.03 -11.58 -25.41
CA ASN A 130 -1.57 -12.90 -25.88
C ASN A 130 -2.75 -13.62 -26.52
N PRO A 131 -3.16 -13.20 -27.71
CA PRO A 131 -4.38 -13.77 -28.31
C PRO A 131 -4.23 -15.23 -28.69
N ALA A 132 -3.02 -15.68 -29.01
CA ALA A 132 -2.81 -17.07 -29.37
C ALA A 132 -3.03 -18.02 -28.20
N GLY A 133 -2.99 -17.51 -26.98
CA GLY A 133 -3.03 -18.35 -25.79
C GLY A 133 -4.36 -18.46 -25.09
N SER A 134 -5.43 -17.86 -25.62
CA SER A 134 -6.71 -17.87 -24.93
C SER A 134 -7.85 -18.03 -25.90
N ASP A 135 -8.83 -18.85 -25.53
CA ASP A 135 -10.12 -18.92 -26.20
C ASP A 135 -11.09 -18.06 -25.37
N ILE A 136 -11.00 -16.76 -25.59
CA ILE A 136 -11.82 -15.82 -24.83
C ILE A 136 -13.30 -15.96 -25.16
N HIS A 137 -13.65 -16.60 -26.28
CA HIS A 137 -15.05 -16.79 -26.60
C HIS A 137 -15.69 -17.84 -25.69
N SER A 138 -15.00 -18.94 -25.45
CA SER A 138 -15.51 -19.95 -24.53
C SER A 138 -15.68 -19.39 -23.12
N THR A 139 -14.82 -18.44 -22.74
CA THR A 139 -14.93 -17.81 -21.43
C THR A 139 -16.07 -16.82 -21.39
N LEU A 140 -16.24 -16.04 -22.46
CA LEU A 140 -17.20 -14.93 -22.43
C LEU A 140 -18.63 -15.40 -22.65
N ASN A 141 -18.84 -16.34 -23.57
CA ASN A 141 -20.21 -16.76 -23.88
C ASN A 141 -20.85 -17.57 -22.76
N LEU A 142 -20.08 -17.98 -21.74
CA LEU A 142 -20.69 -18.54 -20.55
C LEU A 142 -21.67 -17.57 -19.92
N TRP A 143 -21.53 -16.27 -20.17
CA TRP A 143 -22.39 -15.24 -19.62
C TRP A 143 -23.39 -14.70 -20.63
N THR A 144 -23.60 -15.43 -21.73
CA THR A 144 -24.61 -15.06 -22.72
C THR A 144 -25.93 -15.72 -22.35
N ALA A 145 -26.99 -14.92 -22.30
CA ALA A 145 -28.33 -15.42 -21.95
C ALA A 145 -29.11 -15.90 -23.16
N ASP A 146 -28.56 -15.77 -24.36
CA ASP A 146 -29.25 -16.21 -25.57
C ASP A 146 -28.24 -16.54 -26.67
N LYS B 19 -33.85 7.75 1.25
CA LYS B 19 -33.11 6.71 0.53
C LYS B 19 -31.63 7.09 0.42
N GLY B 20 -31.15 7.86 1.38
CA GLY B 20 -29.74 8.24 1.40
C GLY B 20 -28.88 7.06 1.81
N PHE B 21 -28.01 6.61 0.91
CA PHE B 21 -27.17 5.46 1.21
C PHE B 21 -25.99 5.82 2.09
N LEU B 22 -25.42 7.01 1.90
CA LEU B 22 -24.26 7.47 2.65
C LEU B 22 -24.63 8.71 3.45
N GLY B 23 -24.96 8.52 4.71
CA GLY B 23 -25.13 9.62 5.63
C GLY B 23 -23.82 9.96 6.31
N ILE B 24 -23.60 11.26 6.53
CA ILE B 24 -22.38 11.70 7.19
C ILE B 24 -22.54 11.81 8.70
N TYR B 25 -23.77 11.76 9.21
CA TYR B 25 -24.04 11.71 10.64
C TYR B 25 -24.81 10.43 10.93
N GLY B 26 -24.35 9.68 11.92
CA GLY B 26 -25.01 8.43 12.26
C GLY B 26 -24.47 7.87 13.55
N PHE B 27 -24.87 6.63 13.84
CA PHE B 27 -24.47 5.93 15.06
C PHE B 27 -23.98 4.55 14.68
N PHE B 28 -22.73 4.25 15.00
CA PHE B 28 -22.18 2.92 14.75
C PHE B 28 -22.61 1.96 15.85
N THR B 29 -22.67 0.68 15.50
CA THR B 29 -23.25 -0.33 16.37
C THR B 29 -22.45 -0.46 17.67
N GLY B 30 -23.14 -0.97 18.69
CA GLY B 30 -22.53 -1.40 19.93
C GLY B 30 -22.90 -2.84 20.20
N ALA B 31 -21.93 -3.74 20.04
CA ALA B 31 -22.21 -5.18 20.07
C ALA B 31 -20.89 -5.92 20.31
N ASP B 32 -20.88 -7.21 19.99
CA ASP B 32 -19.69 -8.05 20.11
C ASP B 32 -19.00 -8.07 18.74
N LYS B 33 -17.94 -7.25 18.61
CA LYS B 33 -17.30 -7.01 17.32
C LYS B 33 -15.82 -7.35 17.35
N ASN B 34 -15.41 -8.31 18.18
CA ASN B 34 -14.00 -8.47 18.55
C ASN B 34 -13.45 -7.12 19.03
N ILE B 35 -13.87 -6.78 20.25
CA ILE B 35 -13.85 -5.40 20.73
C ILE B 35 -12.46 -4.79 20.67
N GLU B 36 -11.41 -5.61 20.74
CA GLU B 36 -10.06 -5.07 20.79
C GLU B 36 -9.73 -4.31 19.51
N LYS B 37 -10.04 -4.89 18.35
CA LYS B 37 -9.82 -4.19 17.08
C LYS B 37 -10.94 -3.20 16.80
N ALA B 38 -12.18 -3.53 17.20
CA ALA B 38 -13.25 -2.56 17.12
C ALA B 38 -12.93 -1.32 17.93
N THR B 39 -12.22 -1.47 19.04
CA THR B 39 -11.80 -0.32 19.84
C THR B 39 -10.86 0.58 19.03
N LEU B 40 -9.85 -0.02 18.38
CA LEU B 40 -8.89 0.77 17.63
C LEU B 40 -9.55 1.60 16.55
N TYR B 41 -10.51 1.00 15.83
CA TYR B 41 -11.21 1.73 14.79
C TYR B 41 -12.02 2.90 15.38
N LYS B 42 -12.85 2.59 16.38
CA LYS B 42 -13.72 3.63 16.94
C LYS B 42 -12.91 4.77 17.55
N ASN B 43 -11.72 4.48 18.08
CA ASN B 43 -10.90 5.54 18.66
C ASN B 43 -10.33 6.45 17.58
N LEU B 44 -10.00 5.91 16.41
CA LEU B 44 -9.46 6.73 15.35
C LEU B 44 -10.57 7.50 14.62
N ILE B 45 -11.74 6.88 14.45
CA ILE B 45 -12.87 7.58 13.87
C ILE B 45 -13.25 8.77 14.72
N ALA B 46 -13.31 8.56 16.04
CA ALA B 46 -13.59 9.66 16.96
C ALA B 46 -12.46 10.68 16.97
N LYS B 47 -11.21 10.24 16.77
CA LYS B 47 -10.09 11.16 16.77
C LYS B 47 -10.13 12.08 15.55
N TYR B 48 -10.43 11.52 14.38
CA TYR B 48 -10.43 12.28 13.13
C TYR B 48 -11.83 12.51 12.58
N GLN B 49 -12.85 12.50 13.44
CA GLN B 49 -14.19 12.86 13.00
C GLN B 49 -14.24 14.30 12.52
N ASN B 50 -13.23 15.09 12.84
CA ASN B 50 -13.14 16.47 12.35
C ASN B 50 -13.08 16.51 10.83
N ASN B 51 -12.18 15.72 10.25
CA ASN B 51 -11.92 15.76 8.81
C ASN B 51 -12.87 14.85 8.07
N HIS B 52 -13.34 15.32 6.91
CA HIS B 52 -14.27 14.54 6.10
C HIS B 52 -13.53 13.48 5.28
N PHE B 53 -12.40 13.84 4.68
CA PHE B 53 -11.65 12.90 3.87
C PHE B 53 -10.98 11.83 4.73
N ILE B 54 -10.36 12.24 5.84
CA ILE B 54 -9.64 11.30 6.69
C ILE B 54 -10.61 10.30 7.31
N SER B 55 -11.74 10.79 7.82
CA SER B 55 -12.75 9.87 8.36
C SER B 55 -13.25 8.91 7.29
N LEU B 56 -13.35 9.37 6.04
CA LEU B 56 -13.76 8.49 4.96
C LEU B 56 -12.71 7.41 4.70
N ILE B 57 -11.44 7.71 4.93
CA ILE B 57 -10.38 6.73 4.73
C ILE B 57 -10.48 5.62 5.78
N ILE B 58 -10.80 5.98 7.03
CA ILE B 58 -10.88 4.98 8.08
C ILE B 58 -11.99 3.98 7.81
N LEU B 59 -13.13 4.47 7.28
CA LEU B 59 -14.21 3.57 6.91
C LEU B 59 -13.77 2.60 5.84
N SER B 60 -13.01 3.08 4.85
CA SER B 60 -12.53 2.21 3.77
C SER B 60 -11.66 1.09 4.31
N ALA B 61 -10.74 1.42 5.22
CA ALA B 61 -9.87 0.39 5.79
C ALA B 61 -10.69 -0.63 6.57
N LEU B 62 -11.72 -0.18 7.28
CA LEU B 62 -12.57 -1.10 8.03
C LEU B 62 -13.28 -2.08 7.10
N VAL B 63 -13.80 -1.60 5.98
CA VAL B 63 -14.53 -2.46 5.06
C VAL B 63 -13.58 -3.44 4.38
N SER B 64 -12.47 -2.94 3.84
CA SER B 64 -11.52 -3.82 3.17
C SER B 64 -10.91 -4.82 4.15
N ASP B 65 -10.78 -4.44 5.42
CA ASP B 65 -10.22 -5.35 6.43
C ASP B 65 -11.10 -6.58 6.57
N SER B 66 -10.52 -7.75 6.33
CA SER B 66 -11.23 -9.01 6.52
C SER B 66 -11.37 -9.40 7.98
N LYS B 67 -10.68 -8.71 8.88
CA LYS B 67 -10.75 -9.03 10.30
C LYS B 67 -12.01 -8.53 10.98
N THR B 68 -12.83 -7.73 10.29
CA THR B 68 -14.03 -7.14 10.88
C THR B 68 -15.28 -7.54 10.10
N PRO B 69 -15.58 -8.83 9.99
CA PRO B 69 -16.76 -9.24 9.22
C PRO B 69 -18.08 -8.88 9.89
N LEU B 70 -18.07 -8.67 11.21
CA LEU B 70 -19.29 -8.31 11.92
C LEU B 70 -19.64 -6.84 11.73
N MET B 71 -18.63 -5.97 11.84
CA MET B 71 -18.88 -4.53 11.77
C MET B 71 -19.28 -4.09 10.37
N THR B 72 -18.63 -4.65 9.34
CA THR B 72 -18.94 -4.23 7.98
C THR B 72 -20.31 -4.72 7.54
N GLN B 73 -20.63 -5.99 7.80
CA GLN B 73 -21.97 -6.49 7.45
C GLN B 73 -23.07 -5.67 8.10
N TYR B 74 -22.83 -5.15 9.31
CA TYR B 74 -23.76 -4.19 9.90
C TYR B 74 -23.83 -2.93 9.05
N LEU B 75 -22.67 -2.36 8.70
CA LEU B 75 -22.64 -1.15 7.89
C LEU B 75 -23.24 -1.39 6.51
N VAL B 76 -22.95 -2.56 5.92
CA VAL B 76 -23.53 -2.89 4.62
C VAL B 76 -25.05 -2.90 4.70
N GLY B 77 -25.59 -3.53 5.74
CA GLY B 77 -27.03 -3.51 5.93
C GLY B 77 -27.55 -2.14 6.32
N TYR B 78 -26.84 -1.46 7.23
CA TYR B 78 -27.31 -0.17 7.72
C TYR B 78 -27.36 0.88 6.61
N LEU B 79 -26.38 0.86 5.72
CA LEU B 79 -26.31 1.82 4.63
C LEU B 79 -27.10 1.36 3.39
N ASP B 80 -27.93 0.33 3.54
CA ASP B 80 -28.80 -0.16 2.46
C ASP B 80 -27.99 -0.60 1.23
N PHE B 81 -26.82 -1.17 1.46
CA PHE B 81 -26.14 -1.66 0.26
C PHE B 81 -26.35 -3.15 0.10
N PRO B 82 -26.51 -3.64 -1.13
CA PRO B 82 -26.78 -5.08 -1.32
C PRO B 82 -25.60 -5.97 -0.98
N SER B 83 -24.39 -5.43 -0.87
CA SER B 83 -23.22 -6.26 -0.61
C SER B 83 -22.08 -5.39 -0.09
N LYS B 84 -21.05 -6.05 0.40
CA LYS B 84 -19.86 -5.34 0.85
C LYS B 84 -19.12 -4.69 -0.32
N ALA B 85 -19.15 -5.32 -1.49
CA ALA B 85 -18.47 -4.75 -2.65
C ALA B 85 -19.12 -3.46 -3.10
N LEU B 86 -20.46 -3.45 -3.21
CA LEU B 86 -21.16 -2.25 -3.63
C LEU B 86 -21.00 -1.11 -2.64
N LEU B 87 -20.71 -1.41 -1.37
CA LEU B 87 -20.50 -0.36 -0.38
C LEU B 87 -19.10 0.24 -0.51
N ALA B 88 -18.08 -0.62 -0.56
CA ALA B 88 -16.70 -0.12 -0.69
C ALA B 88 -16.52 0.64 -2.01
N ASN B 89 -17.28 0.28 -3.03
CA ASN B 89 -17.20 1.00 -4.29
C ASN B 89 -17.70 2.44 -4.13
N LYS B 90 -18.76 2.64 -3.34
CA LYS B 90 -19.26 3.98 -3.12
C LYS B 90 -18.30 4.81 -2.28
N ILE B 91 -17.70 4.21 -1.24
CA ILE B 91 -16.73 4.93 -0.43
C ILE B 91 -15.52 5.32 -1.26
N THR B 92 -15.04 4.39 -2.11
CA THR B 92 -13.92 4.70 -2.98
C THR B 92 -14.27 5.83 -3.94
N GLU B 93 -15.51 5.84 -4.43
CA GLU B 93 -15.94 6.91 -5.34
C GLU B 93 -15.91 8.27 -4.64
N LEU B 94 -16.46 8.34 -3.42
CA LEU B 94 -16.46 9.60 -2.69
C LEU B 94 -15.04 10.05 -2.36
N LEU B 95 -14.15 9.10 -2.06
CA LEU B 95 -12.77 9.44 -1.76
C LEU B 95 -12.10 10.09 -2.96
N LEU B 96 -12.26 9.50 -4.15
CA LEU B 96 -11.64 10.04 -5.35
C LEU B 96 -12.17 11.44 -5.67
N LYS B 97 -13.44 11.71 -5.36
CA LYS B 97 -14.01 13.01 -5.67
C LYS B 97 -13.36 14.10 -4.84
N GLU B 98 -13.20 13.88 -3.54
CA GLU B 98 -12.54 14.87 -2.70
C GLU B 98 -11.04 14.93 -2.95
N LEU B 99 -10.46 13.87 -3.51
CA LEU B 99 -9.01 13.77 -3.69
C LEU B 99 -8.59 14.18 -5.11
N GLU B 100 -9.11 13.49 -6.12
CA GLU B 100 -8.73 13.81 -7.50
C GLU B 100 -9.26 15.18 -7.89
N ASN B 101 -10.56 15.42 -7.71
CA ASN B 101 -11.09 16.75 -7.90
C ASN B 101 -10.57 17.64 -6.77
N PRO B 102 -9.98 18.80 -7.08
CA PRO B 102 -9.15 19.51 -6.10
C PRO B 102 -9.86 20.03 -4.85
N ASP B 103 -9.57 19.38 -3.73
CA ASP B 103 -9.80 19.95 -2.39
C ASP B 103 -8.53 19.73 -1.57
N MET B 104 -8.13 18.47 -1.44
CA MET B 104 -6.82 18.12 -0.91
C MET B 104 -5.80 17.89 -2.03
N ARG B 105 -6.13 18.28 -3.26
CA ARG B 105 -5.21 18.11 -4.38
C ARG B 105 -3.95 18.94 -4.19
N GLU B 106 -4.03 20.03 -3.42
CA GLU B 106 -2.81 20.76 -3.09
C GLU B 106 -1.90 19.93 -2.20
N ILE B 107 -2.47 19.05 -1.38
CA ILE B 107 -1.67 18.11 -0.61
C ILE B 107 -1.28 16.91 -1.48
N LEU B 108 -2.15 16.49 -2.39
CA LEU B 108 -1.83 15.42 -3.32
C LEU B 108 -0.77 15.91 -4.31
N GLY B 109 0.34 15.19 -4.39
CA GLY B 109 1.44 15.61 -5.26
C GLY B 109 1.51 14.85 -6.57
N SER B 110 2.68 14.27 -6.85
CA SER B 110 2.92 13.55 -8.09
C SER B 110 2.23 12.20 -8.14
N ARG B 111 1.66 11.73 -7.03
CA ARG B 111 1.11 10.39 -6.94
C ARG B 111 -0.29 10.34 -7.57
N LEU B 112 -0.78 9.12 -7.78
CA LEU B 112 -2.14 8.91 -8.28
C LEU B 112 -3.07 8.67 -7.10
N ALA B 113 -4.27 9.26 -7.18
CA ALA B 113 -5.23 9.18 -6.08
C ALA B 113 -5.58 7.74 -5.73
N THR B 114 -5.38 6.79 -6.64
CA THR B 114 -5.61 5.39 -6.29
C THR B 114 -4.58 4.90 -5.29
N ASP B 115 -3.29 5.11 -5.58
CA ASP B 115 -2.24 4.55 -4.75
C ASP B 115 -2.21 5.18 -3.36
N VAL B 116 -2.58 6.46 -3.23
CA VAL B 116 -2.55 7.07 -1.90
C VAL B 116 -3.65 6.48 -1.03
N ILE B 117 -4.81 6.16 -1.61
CA ILE B 117 -5.89 5.57 -0.81
C ILE B 117 -5.54 4.14 -0.41
N GLU B 118 -5.12 3.32 -1.38
CA GLU B 118 -4.74 1.95 -1.07
C GLU B 118 -3.54 1.88 -0.14
N GLU B 119 -2.78 2.97 -0.02
CA GLU B 119 -1.68 3.01 0.94
C GLU B 119 -2.18 3.38 2.33
N LEU B 120 -3.06 4.38 2.42
CA LEU B 120 -3.65 4.72 3.71
C LEU B 120 -4.54 3.59 4.23
N GLU B 121 -5.28 2.92 3.34
CA GLU B 121 -6.06 1.75 3.73
C GLU B 121 -5.15 0.64 4.26
N THR B 122 -4.06 0.35 3.53
CA THR B 122 -3.13 -0.67 3.97
C THR B 122 -2.49 -0.30 5.30
N LYS B 123 -2.06 0.96 5.42
CA LYS B 123 -1.37 1.39 6.64
C LYS B 123 -2.27 1.31 7.87
N ILE B 124 -3.58 1.51 7.70
CA ILE B 124 -4.51 1.38 8.82
C ILE B 124 -4.73 -0.08 9.16
N ILE B 125 -4.99 -0.91 8.15
CA ILE B 125 -5.25 -2.33 8.38
C ILE B 125 -4.06 -2.98 9.08
N ARG B 126 -2.84 -2.70 8.61
CA ARG B 126 -1.65 -3.22 9.29
C ARG B 126 -1.52 -2.63 10.68
N TYR B 127 -1.99 -1.39 10.89
CA TYR B 127 -2.01 -0.83 12.24
C TYR B 127 -3.01 -1.55 13.12
N ILE B 128 -4.23 -1.78 12.61
CA ILE B 128 -5.22 -2.52 13.38
C ILE B 128 -4.72 -3.91 13.72
N HIS B 129 -4.01 -4.55 12.78
CA HIS B 129 -3.51 -5.89 13.02
C HIS B 129 -2.35 -5.90 14.00
N ASN B 130 -1.58 -4.82 14.07
CA ASN B 130 -0.44 -4.73 14.98
C ASN B 130 -0.20 -3.27 15.32
N PRO B 131 -0.95 -2.74 16.29
CA PRO B 131 -0.84 -1.30 16.60
C PRO B 131 0.49 -0.90 17.21
N ALA B 132 1.27 -1.85 17.72
CA ALA B 132 2.56 -1.53 18.32
C ALA B 132 3.69 -1.48 17.32
N GLY B 133 3.44 -1.85 16.06
CA GLY B 133 4.49 -1.87 15.07
C GLY B 133 4.39 -0.75 14.06
N SER B 134 3.31 0.03 14.15
CA SER B 134 3.09 1.14 13.23
C SER B 134 2.31 2.24 13.93
N ASP B 135 2.83 3.47 13.88
CA ASP B 135 2.14 4.63 14.43
C ASP B 135 1.28 5.23 13.32
N ILE B 136 -0.03 4.99 13.40
CA ILE B 136 -0.93 5.46 12.36
C ILE B 136 -1.32 6.92 12.55
N HIS B 137 -1.15 7.48 13.76
CA HIS B 137 -1.59 8.84 14.02
C HIS B 137 -0.83 9.84 13.17
N SER B 138 0.50 9.79 13.20
CA SER B 138 1.29 10.76 12.46
C SER B 138 1.10 10.64 10.95
N THR B 139 0.74 9.45 10.47
CA THR B 139 0.49 9.29 9.04
C THR B 139 -0.79 10.01 8.64
N LEU B 140 -1.86 9.87 9.42
CA LEU B 140 -3.11 10.54 9.12
C LEU B 140 -3.08 12.03 9.45
N ASN B 141 -2.17 12.44 10.33
CA ASN B 141 -2.02 13.87 10.63
C ASN B 141 -1.47 14.65 9.45
N LEU B 142 -0.89 13.96 8.46
CA LEU B 142 -0.27 14.64 7.33
C LEU B 142 -1.29 15.43 6.49
N TRP B 143 -2.57 15.11 6.62
CA TRP B 143 -3.62 15.78 5.86
C TRP B 143 -4.26 16.84 6.75
N THR B 144 -3.96 18.11 6.46
CA THR B 144 -4.41 19.22 7.29
C THR B 144 -5.91 19.43 7.15
N ALA B 145 -6.42 20.41 7.89
CA ALA B 145 -7.84 20.77 7.90
C ALA B 145 -8.72 19.57 8.23
N GLY C 20 28.82 -12.61 6.85
CA GLY C 20 28.28 -12.73 5.51
C GLY C 20 27.28 -11.64 5.19
N PHE C 21 27.17 -11.30 3.90
CA PHE C 21 26.26 -10.26 3.45
C PHE C 21 25.62 -10.69 2.14
N LEU C 22 24.57 -9.95 1.75
CA LEU C 22 23.76 -10.35 0.60
C LEU C 22 24.50 -10.10 -0.72
N GLY C 23 24.15 -10.91 -1.72
CA GLY C 23 24.67 -10.74 -3.06
C GLY C 23 23.98 -11.66 -4.05
N ILE C 24 23.84 -11.21 -5.30
CA ILE C 24 23.27 -12.05 -6.35
C ILE C 24 24.21 -12.09 -7.55
N PHE C 27 21.10 -20.05 -4.92
CA PHE C 27 20.59 -21.38 -4.56
C PHE C 27 19.37 -21.28 -3.67
N PHE C 28 18.18 -21.27 -4.29
CA PHE C 28 16.93 -21.30 -3.53
C PHE C 28 15.90 -22.05 -4.39
N THR C 29 15.47 -23.21 -3.90
CA THR C 29 14.57 -24.10 -4.64
C THR C 29 13.35 -24.38 -3.79
N GLY C 30 12.32 -23.53 -3.94
CA GLY C 30 11.04 -23.77 -3.29
C GLY C 30 11.16 -23.85 -1.79
N ALA C 31 10.38 -24.77 -1.21
CA ALA C 31 10.39 -25.00 0.23
C ALA C 31 10.10 -26.47 0.47
N ASP C 32 9.94 -26.83 1.75
CA ASP C 32 9.69 -28.22 2.13
C ASP C 32 8.21 -28.58 2.10
N LYS C 33 7.34 -27.69 2.59
CA LYS C 33 5.94 -28.04 2.80
C LYS C 33 5.16 -27.91 1.50
N ASN C 34 3.83 -27.98 1.61
CA ASN C 34 2.93 -28.23 0.49
C ASN C 34 2.40 -26.98 -0.19
N ILE C 35 2.72 -25.78 0.32
CA ILE C 35 2.07 -24.56 -0.16
C ILE C 35 2.29 -24.39 -1.65
N GLU C 36 1.21 -24.04 -2.36
CA GLU C 36 1.29 -23.75 -3.78
C GLU C 36 1.67 -22.31 -4.06
N LYS C 37 1.53 -21.42 -3.08
CA LYS C 37 1.96 -20.04 -3.25
C LYS C 37 3.47 -19.91 -3.39
N ALA C 38 4.23 -20.92 -2.96
CA ALA C 38 5.65 -20.95 -3.24
C ALA C 38 5.92 -21.06 -4.74
N THR C 39 5.01 -21.69 -5.47
CA THR C 39 5.18 -21.82 -6.92
C THR C 39 4.97 -20.48 -7.62
N LEU C 40 3.98 -19.72 -7.17
CA LEU C 40 3.71 -18.41 -7.78
C LEU C 40 4.89 -17.47 -7.60
N TYR C 41 5.51 -17.48 -6.42
CA TYR C 41 6.70 -16.67 -6.21
C TYR C 41 7.85 -17.12 -7.11
N LYS C 42 7.99 -18.43 -7.32
CA LYS C 42 9.16 -18.94 -8.04
C LYS C 42 9.11 -18.54 -9.52
N ASN C 43 7.91 -18.55 -10.10
CA ASN C 43 7.77 -18.29 -11.53
C ASN C 43 7.85 -16.80 -11.85
N LEU C 44 7.35 -15.96 -10.93
CA LEU C 44 7.61 -14.53 -11.04
C LEU C 44 9.10 -14.23 -10.95
N ILE C 45 9.83 -14.98 -10.10
CA ILE C 45 11.26 -14.76 -9.96
C ILE C 45 11.99 -15.14 -11.23
N ALA C 46 11.65 -16.29 -11.81
CA ALA C 46 12.35 -16.75 -13.01
C ALA C 46 12.10 -15.83 -14.20
N LYS C 47 10.88 -15.30 -14.32
CA LYS C 47 10.57 -14.44 -15.45
C LYS C 47 11.34 -13.13 -15.39
N TYR C 48 11.35 -12.48 -14.23
CA TYR C 48 11.97 -11.18 -14.06
C TYR C 48 13.42 -11.25 -13.62
N GLN C 49 14.09 -12.39 -13.82
CA GLN C 49 15.49 -12.52 -13.41
C GLN C 49 16.39 -11.55 -14.17
N ASN C 50 15.99 -11.09 -15.36
CA ASN C 50 16.82 -10.17 -16.11
C ASN C 50 16.90 -8.80 -15.46
N ASN C 51 15.82 -8.38 -14.78
CA ASN C 51 15.77 -7.07 -14.16
C ASN C 51 16.17 -7.18 -12.69
N HIS C 52 17.16 -6.37 -12.28
CA HIS C 52 17.63 -6.42 -10.91
C HIS C 52 16.59 -5.88 -9.94
N PHE C 53 15.91 -4.80 -10.32
CA PHE C 53 15.00 -4.13 -9.39
C PHE C 53 13.76 -4.97 -9.10
N ILE C 54 13.15 -5.55 -10.14
CA ILE C 54 11.89 -6.28 -9.95
C ILE C 54 12.11 -7.51 -9.09
N SER C 55 13.29 -8.15 -9.19
CA SER C 55 13.55 -9.33 -8.37
C SER C 55 13.56 -8.99 -6.89
N LEU C 56 14.20 -7.88 -6.53
CA LEU C 56 14.21 -7.44 -5.13
C LEU C 56 12.80 -7.11 -4.65
N ILE C 57 11.98 -6.51 -5.52
CA ILE C 57 10.60 -6.20 -5.14
C ILE C 57 9.84 -7.47 -4.81
N ILE C 58 10.01 -8.51 -5.63
CA ILE C 58 9.38 -9.80 -5.34
C ILE C 58 9.94 -10.39 -4.06
N LEU C 59 11.25 -10.24 -3.85
CA LEU C 59 11.89 -10.75 -2.64
C LEU C 59 11.34 -10.04 -1.40
N SER C 60 11.40 -8.71 -1.38
CA SER C 60 10.87 -7.95 -0.25
C SER C 60 9.40 -8.27 -0.01
N ALA C 61 8.63 -8.44 -1.08
CA ALA C 61 7.23 -8.79 -0.93
C ALA C 61 7.06 -10.20 -0.40
N LEU C 62 7.91 -11.13 -0.85
CA LEU C 62 7.89 -12.49 -0.32
C LEU C 62 8.20 -12.48 1.18
N VAL C 63 9.24 -11.76 1.57
CA VAL C 63 9.61 -11.66 2.98
C VAL C 63 8.48 -11.00 3.77
N SER C 64 7.94 -9.90 3.25
CA SER C 64 6.84 -9.23 3.94
C SER C 64 5.59 -10.11 3.99
N ASP C 65 5.42 -10.99 3.00
CA ASP C 65 4.26 -11.87 2.97
C ASP C 65 4.24 -12.77 4.20
N SER C 66 3.10 -12.77 4.89
CA SER C 66 2.92 -13.59 6.07
C SER C 66 2.41 -14.99 5.75
N LYS C 67 1.99 -15.24 4.52
CA LYS C 67 1.66 -16.59 4.08
C LYS C 67 2.90 -17.37 3.65
N THR C 68 4.09 -16.80 3.81
CA THR C 68 5.35 -17.46 3.47
C THR C 68 6.34 -17.37 4.64
N PRO C 69 5.98 -17.88 5.82
CA PRO C 69 6.90 -17.76 6.97
C PRO C 69 8.07 -18.72 6.91
N LEU C 70 7.84 -19.89 6.29
CA LEU C 70 8.90 -20.90 6.20
C LEU C 70 9.98 -20.48 5.20
N MET C 71 9.57 -20.07 4.00
CA MET C 71 10.54 -19.63 3.01
C MET C 71 11.32 -18.41 3.49
N THR C 72 10.65 -17.52 4.23
CA THR C 72 11.32 -16.34 4.75
C THR C 72 12.36 -16.71 5.80
N GLN C 73 12.00 -17.60 6.74
CA GLN C 73 12.95 -18.02 7.76
C GLN C 73 14.13 -18.77 7.17
N TYR C 74 13.92 -19.49 6.06
CA TYR C 74 15.04 -20.12 5.37
C TYR C 74 15.99 -19.07 4.82
N LEU C 75 15.45 -18.00 4.24
CA LEU C 75 16.28 -16.95 3.65
C LEU C 75 17.01 -16.16 4.72
N VAL C 76 16.40 -15.98 5.90
CA VAL C 76 17.06 -15.27 6.98
C VAL C 76 18.36 -15.97 7.36
N GLY C 77 18.30 -17.29 7.56
CA GLY C 77 19.50 -18.03 7.89
C GLY C 77 20.44 -18.19 6.72
N TYR C 78 19.89 -18.44 5.52
CA TYR C 78 20.73 -18.68 4.36
C TYR C 78 21.58 -17.47 4.02
N LEU C 79 21.01 -16.27 4.13
CA LEU C 79 21.74 -15.04 3.89
C LEU C 79 22.49 -14.56 5.13
N ASP C 80 22.53 -15.38 6.19
CA ASP C 80 23.13 -15.05 7.47
C ASP C 80 22.72 -13.68 7.95
N PHE C 81 21.44 -13.53 8.32
CA PHE C 81 20.94 -12.36 9.00
C PHE C 81 20.42 -12.76 10.36
N PRO C 82 20.71 -11.99 11.41
CA PRO C 82 20.26 -12.36 12.75
C PRO C 82 18.75 -12.34 12.94
N SER C 83 17.99 -11.75 12.02
CA SER C 83 16.56 -11.61 12.21
C SER C 83 15.89 -11.33 10.86
N LYS C 84 14.57 -11.38 10.87
CA LYS C 84 13.79 -11.04 9.68
C LYS C 84 13.81 -9.54 9.43
N ALA C 85 13.74 -8.74 10.49
CA ALA C 85 13.73 -7.28 10.33
C ALA C 85 15.03 -6.81 9.69
N LEU C 86 16.17 -7.33 10.14
CA LEU C 86 17.45 -6.96 9.54
C LEU C 86 17.53 -7.41 8.08
N LEU C 87 16.87 -8.52 7.74
CA LEU C 87 16.86 -8.97 6.36
C LEU C 87 16.02 -8.04 5.49
N ALA C 88 14.81 -7.72 5.94
CA ALA C 88 13.97 -6.80 5.19
C ALA C 88 14.58 -5.41 5.13
N ASN C 89 15.34 -5.02 6.16
CA ASN C 89 16.00 -3.72 6.15
C ASN C 89 17.04 -3.65 5.03
N LYS C 90 17.75 -4.74 4.77
CA LYS C 90 18.75 -4.73 3.71
C LYS C 90 18.09 -4.67 2.33
N ILE C 91 16.99 -5.38 2.14
CA ILE C 91 16.32 -5.36 0.85
C ILE C 91 15.76 -3.99 0.55
N THR C 92 15.14 -3.35 1.56
CA THR C 92 14.66 -1.99 1.39
C THR C 92 15.81 -1.05 1.03
N GLU C 93 16.97 -1.24 1.65
CA GLU C 93 18.14 -0.43 1.33
C GLU C 93 18.54 -0.62 -0.13
N LEU C 94 18.60 -1.87 -0.59
CA LEU C 94 18.96 -2.13 -1.98
C LEU C 94 17.92 -1.56 -2.94
N LEU C 95 16.64 -1.63 -2.54
CA LEU C 95 15.57 -1.11 -3.39
C LEU C 95 15.68 0.40 -3.56
N LEU C 96 15.90 1.12 -2.46
CA LEU C 96 15.99 2.58 -2.53
C LEU C 96 17.18 3.02 -3.36
N LYS C 97 18.30 2.30 -3.24
CA LYS C 97 19.48 2.63 -4.03
C LYS C 97 19.31 2.24 -5.49
N GLU C 98 18.61 1.14 -5.77
CA GLU C 98 18.32 0.80 -7.16
C GLU C 98 17.48 1.87 -7.81
N LEU C 99 16.54 2.46 -7.06
CA LEU C 99 15.77 3.59 -7.56
C LEU C 99 16.59 4.86 -7.67
N GLU C 100 17.78 4.90 -7.07
CA GLU C 100 18.72 6.00 -7.26
C GLU C 100 19.59 5.83 -8.50
N ASN C 101 19.62 4.63 -9.09
CA ASN C 101 20.43 4.37 -10.25
C ASN C 101 19.90 5.11 -11.47
N PRO C 102 20.74 5.35 -12.48
CA PRO C 102 20.34 6.28 -13.57
C PRO C 102 19.07 5.88 -14.30
N ASP C 103 18.93 4.61 -14.70
CA ASP C 103 17.78 4.23 -15.50
C ASP C 103 16.50 4.19 -14.66
N MET C 104 16.56 3.58 -13.47
CA MET C 104 15.38 3.50 -12.62
C MET C 104 14.95 4.89 -12.16
N ARG C 105 15.91 5.73 -11.79
CA ARG C 105 15.63 7.12 -11.43
C ARG C 105 15.09 7.91 -12.60
N GLU C 106 15.21 7.40 -13.82
CA GLU C 106 14.53 8.01 -14.95
C GLU C 106 13.05 7.62 -14.95
N ILE C 107 12.75 6.38 -14.57
CA ILE C 107 11.35 5.94 -14.46
C ILE C 107 10.70 6.53 -13.22
N LEU C 108 11.50 6.94 -12.22
CA LEU C 108 11.06 7.64 -11.03
C LEU C 108 9.91 8.59 -11.31
N GLY C 109 10.19 9.72 -11.96
CA GLY C 109 9.15 10.69 -12.25
C GLY C 109 8.54 11.30 -11.00
N SER C 110 9.38 11.64 -10.03
CA SER C 110 9.03 12.34 -8.80
C SER C 110 8.19 11.50 -7.84
N ARG C 111 7.92 10.23 -8.15
CA ARG C 111 7.13 9.41 -7.25
C ARG C 111 8.00 8.90 -6.10
N LEU C 112 7.43 8.94 -4.89
CA LEU C 112 8.19 8.66 -3.69
C LEU C 112 8.62 7.19 -3.63
N ALA C 113 9.92 6.98 -3.40
CA ALA C 113 10.47 5.62 -3.44
C ALA C 113 9.84 4.73 -2.38
N THR C 114 9.64 5.25 -1.17
CA THR C 114 9.06 4.45 -0.10
C THR C 114 7.68 3.95 -0.47
N ASP C 115 6.92 4.76 -1.23
CA ASP C 115 5.54 4.38 -1.52
C ASP C 115 5.44 3.47 -2.73
N VAL C 116 6.21 3.72 -3.78
CA VAL C 116 6.14 2.86 -4.97
C VAL C 116 6.57 1.44 -4.61
N ILE C 117 7.50 1.28 -3.68
CA ILE C 117 7.89 -0.04 -3.25
C ILE C 117 6.78 -0.67 -2.41
N GLU C 118 6.24 0.08 -1.44
CA GLU C 118 5.16 -0.43 -0.62
C GLU C 118 3.91 -0.71 -1.46
N GLU C 119 3.73 0.02 -2.56
CA GLU C 119 2.62 -0.25 -3.46
C GLU C 119 2.89 -1.51 -4.28
N LEU C 120 4.08 -1.62 -4.88
CA LEU C 120 4.42 -2.80 -5.66
C LEU C 120 4.37 -4.06 -4.78
N GLU C 121 4.86 -3.96 -3.55
CA GLU C 121 4.75 -5.09 -2.62
C GLU C 121 3.31 -5.52 -2.46
N THR C 122 2.44 -4.58 -2.10
CA THR C 122 1.03 -4.91 -1.87
C THR C 122 0.41 -5.53 -3.12
N LYS C 123 0.73 -4.99 -4.30
CA LYS C 123 0.02 -5.38 -5.51
C LYS C 123 0.39 -6.78 -5.99
N ILE C 124 1.63 -7.22 -5.79
CA ILE C 124 1.97 -8.57 -6.20
C ILE C 124 1.41 -9.59 -5.21
N ILE C 125 1.28 -9.22 -3.94
CA ILE C 125 0.63 -10.11 -2.97
C ILE C 125 -0.83 -10.30 -3.33
N ARG C 126 -1.44 -9.30 -3.98
CA ARG C 126 -2.79 -9.50 -4.52
C ARG C 126 -2.79 -10.59 -5.57
N TYR C 127 -1.81 -10.57 -6.48
CA TYR C 127 -1.67 -11.62 -7.47
C TYR C 127 -1.22 -12.93 -6.86
N ILE C 128 -0.54 -12.88 -5.71
CA ILE C 128 -0.11 -14.11 -5.05
C ILE C 128 -1.31 -14.85 -4.46
N HIS C 129 -2.18 -14.13 -3.75
CA HIS C 129 -3.32 -14.78 -3.10
C HIS C 129 -4.38 -15.16 -4.13
N ASN C 130 -4.64 -14.29 -5.11
CA ASN C 130 -5.65 -14.54 -6.13
C ASN C 130 -5.03 -14.33 -7.50
N PRO C 131 -4.31 -15.34 -8.01
CA PRO C 131 -3.71 -15.20 -9.35
C PRO C 131 -4.71 -15.21 -10.47
N ALA C 132 -5.91 -15.76 -10.25
CA ALA C 132 -6.93 -15.78 -11.31
C ALA C 132 -7.23 -14.37 -11.80
N GLY C 133 -7.29 -13.41 -10.88
CA GLY C 133 -7.39 -12.01 -11.26
C GLY C 133 -6.10 -11.28 -10.91
N SER C 134 -6.21 -9.98 -10.66
CA SER C 134 -5.08 -9.14 -10.25
C SER C 134 -3.92 -9.27 -11.25
N ASP C 135 -4.19 -8.74 -12.45
CA ASP C 135 -3.19 -8.70 -13.51
C ASP C 135 -1.88 -8.16 -12.99
N ILE C 136 -0.81 -8.94 -13.15
CA ILE C 136 0.47 -8.64 -12.54
C ILE C 136 1.55 -8.37 -13.56
N HIS C 137 1.58 -9.11 -14.67
CA HIS C 137 2.66 -8.96 -15.63
C HIS C 137 2.61 -7.58 -16.28
N SER C 138 1.43 -7.15 -16.69
CA SER C 138 1.27 -5.81 -17.25
C SER C 138 1.65 -4.73 -16.24
N THR C 139 1.54 -5.04 -14.95
CA THR C 139 1.90 -4.08 -13.91
C THR C 139 3.41 -3.86 -13.85
N LEU C 140 4.17 -4.93 -13.66
CA LEU C 140 5.62 -4.82 -13.55
C LEU C 140 6.34 -4.86 -14.88
N ASN C 141 5.63 -5.06 -15.99
CA ASN C 141 6.23 -4.77 -17.29
C ASN C 141 6.47 -3.28 -17.46
N LEU C 142 5.81 -2.45 -16.65
CA LEU C 142 6.08 -1.01 -16.67
C LEU C 142 7.49 -0.71 -16.19
N TRP C 143 8.06 -1.57 -15.34
CA TRP C 143 9.40 -1.38 -14.81
C TRP C 143 10.48 -2.02 -15.67
N THR C 144 10.14 -2.48 -16.87
CA THR C 144 11.09 -3.09 -17.78
C THR C 144 11.59 -2.03 -18.76
N ALA C 145 12.87 -1.68 -18.65
CA ALA C 145 13.51 -0.70 -19.53
C ALA C 145 12.76 0.63 -19.52
N LYS D 19 33.77 10.15 2.64
CA LYS D 19 32.32 10.01 2.61
C LYS D 19 31.85 8.89 3.54
N GLY D 20 32.10 9.07 4.84
CA GLY D 20 31.65 8.11 5.83
C GLY D 20 30.15 8.18 6.06
N PHE D 21 29.65 7.22 6.82
CA PHE D 21 28.22 7.11 7.07
C PHE D 21 27.96 6.84 8.54
N LEU D 22 27.34 7.80 9.21
CA LEU D 22 26.82 7.64 10.59
C LEU D 22 27.94 7.39 11.60
N GLY D 23 29.05 8.11 11.44
CA GLY D 23 30.02 8.19 12.51
C GLY D 23 29.53 9.17 13.55
N ILE D 24 29.15 8.68 14.73
CA ILE D 24 28.51 9.53 15.74
C ILE D 24 29.45 10.67 16.13
N TYR D 25 28.86 11.84 16.37
CA TYR D 25 29.57 13.08 16.66
C TYR D 25 28.54 14.18 16.78
N GLY D 26 28.94 15.28 17.43
CA GLY D 26 28.00 16.34 17.79
C GLY D 26 27.62 17.30 16.68
N PHE D 27 28.18 18.52 16.74
CA PHE D 27 28.03 19.61 15.77
C PHE D 27 26.78 19.60 14.90
N PHE D 28 25.60 19.38 15.47
CA PHE D 28 24.37 19.47 14.68
C PHE D 28 23.82 20.88 14.71
N THR D 29 23.16 21.26 13.62
CA THR D 29 22.84 22.66 13.38
C THR D 29 21.50 23.09 14.01
N GLY D 30 20.53 22.19 14.11
CA GLY D 30 19.19 22.61 14.48
C GLY D 30 18.69 23.62 13.47
N ALA D 31 18.62 23.17 12.21
CA ALA D 31 18.47 24.00 11.01
C ALA D 31 17.81 25.36 11.22
N ASP D 32 16.49 25.41 11.09
CA ASP D 32 15.79 26.66 11.27
C ASP D 32 14.53 26.48 12.12
N LYS D 33 13.39 26.98 11.61
CA LYS D 33 12.18 27.17 12.41
C LYS D 33 11.67 25.90 13.09
N ASN D 34 10.58 26.05 13.85
CA ASN D 34 10.07 25.08 14.82
C ASN D 34 10.97 25.12 16.05
N ILE D 35 11.09 26.31 16.66
CA ILE D 35 12.14 26.54 17.66
C ILE D 35 11.85 25.75 18.93
N GLU D 36 10.59 25.63 19.31
CA GLU D 36 10.28 24.92 20.55
C GLU D 36 10.50 23.43 20.40
N LYS D 37 10.03 22.85 19.28
CA LYS D 37 10.28 21.43 19.03
C LYS D 37 11.76 21.15 18.87
N ALA D 38 12.49 22.06 18.23
CA ALA D 38 13.94 21.93 18.15
C ALA D 38 14.57 21.99 19.54
N THR D 39 14.01 22.81 20.42
CA THR D 39 14.51 22.90 21.79
C THR D 39 14.27 21.60 22.55
N LEU D 40 13.06 21.03 22.42
CA LEU D 40 12.76 19.77 23.08
C LEU D 40 13.66 18.65 22.57
N TYR D 41 13.95 18.65 21.26
CA TYR D 41 14.81 17.62 20.70
C TYR D 41 16.24 17.75 21.20
N LYS D 42 16.77 18.97 21.24
CA LYS D 42 18.14 19.16 21.69
C LYS D 42 18.31 18.80 23.16
N ASN D 43 17.33 19.16 23.99
CA ASN D 43 17.40 18.81 25.41
C ASN D 43 17.48 17.30 25.60
N LEU D 44 16.70 16.54 24.82
CA LEU D 44 16.78 15.10 24.87
C LEU D 44 18.11 14.60 24.31
N ILE D 45 18.55 15.17 23.19
CA ILE D 45 19.81 14.76 22.59
C ILE D 45 20.97 15.05 23.52
N ALA D 46 20.93 16.19 24.21
CA ALA D 46 22.03 16.57 25.08
C ALA D 46 22.14 15.66 26.30
N LYS D 47 20.99 15.25 26.86
CA LYS D 47 21.03 14.42 28.05
C LYS D 47 21.58 13.03 27.74
N TYR D 48 21.02 12.35 26.75
CA TYR D 48 21.38 10.97 26.44
C TYR D 48 22.49 10.87 25.40
N GLN D 49 23.41 11.83 25.35
CA GLN D 49 24.44 11.84 24.32
C GLN D 49 25.54 10.82 24.58
N ASN D 50 25.63 10.24 25.77
CA ASN D 50 26.63 9.24 26.07
C ASN D 50 26.11 7.81 25.92
N ASN D 51 24.82 7.63 25.67
CA ASN D 51 24.24 6.33 25.39
C ASN D 51 23.97 6.24 23.89
N HIS D 52 24.71 5.37 23.21
CA HIS D 52 24.62 5.29 21.75
C HIS D 52 23.22 4.86 21.29
N PHE D 53 22.63 3.89 21.98
CA PHE D 53 21.34 3.35 21.55
C PHE D 53 20.25 4.41 21.60
N ILE D 54 20.13 5.10 22.74
CA ILE D 54 19.08 6.11 22.87
C ILE D 54 19.36 7.30 21.95
N SER D 55 20.63 7.59 21.67
CA SER D 55 20.96 8.68 20.77
C SER D 55 20.39 8.43 19.37
N LEU D 56 20.42 7.18 18.92
CA LEU D 56 19.85 6.86 17.61
C LEU D 56 18.34 6.74 17.64
N ILE D 57 17.78 6.38 18.80
CA ILE D 57 16.33 6.34 18.92
C ILE D 57 15.75 7.75 18.81
N ILE D 58 16.39 8.73 19.45
CA ILE D 58 15.96 10.11 19.30
C ILE D 58 16.16 10.59 17.87
N LEU D 59 17.32 10.25 17.28
CA LEU D 59 17.57 10.62 15.89
C LEU D 59 16.53 9.99 14.97
N SER D 60 16.09 8.77 15.28
CA SER D 60 15.04 8.14 14.50
C SER D 60 13.75 8.93 14.58
N ALA D 61 13.31 9.27 15.78
CA ALA D 61 12.07 10.02 15.94
C ALA D 61 12.17 11.39 15.30
N LEU D 62 13.33 12.04 15.41
CA LEU D 62 13.53 13.33 14.76
C LEU D 62 13.34 13.20 13.25
N VAL D 63 14.03 12.24 12.64
CA VAL D 63 13.92 12.04 11.19
C VAL D 63 12.48 11.69 10.81
N SER D 64 11.87 10.77 11.55
CA SER D 64 10.50 10.37 11.24
C SER D 64 9.50 11.48 11.50
N ASP D 65 9.84 12.42 12.40
CA ASP D 65 8.92 13.48 12.76
C ASP D 65 8.59 14.33 11.53
N SER D 66 7.31 14.39 11.18
CA SER D 66 6.87 15.21 10.06
C SER D 66 6.98 16.70 10.34
N LYS D 67 7.22 17.10 11.60
CA LYS D 67 7.31 18.50 11.98
C LYS D 67 8.74 18.96 12.16
N THR D 68 9.71 18.20 11.65
CA THR D 68 11.12 18.65 11.61
C THR D 68 11.68 18.51 10.19
N PRO D 69 11.03 19.11 9.19
CA PRO D 69 11.49 18.89 7.81
C PRO D 69 12.79 19.61 7.49
N LEU D 70 13.02 20.79 8.09
CA LEU D 70 14.25 21.52 7.84
C LEU D 70 15.43 20.84 8.53
N MET D 71 15.26 20.45 9.80
CA MET D 71 16.33 19.77 10.53
C MET D 71 16.64 18.41 9.90
N THR D 72 15.63 17.72 9.37
CA THR D 72 15.87 16.44 8.73
C THR D 72 16.66 16.59 7.44
N GLN D 73 16.23 17.50 6.57
CA GLN D 73 16.91 17.69 5.29
C GLN D 73 18.37 18.07 5.49
N TYR D 74 18.67 18.88 6.51
CA TYR D 74 20.06 19.13 6.85
C TYR D 74 20.76 17.85 7.24
N LEU D 75 20.15 17.08 8.15
CA LEU D 75 20.73 15.82 8.60
C LEU D 75 20.97 14.87 7.43
N VAL D 76 20.00 14.79 6.51
CA VAL D 76 20.17 13.96 5.32
C VAL D 76 21.37 14.43 4.52
N GLY D 77 21.40 15.72 4.18
CA GLY D 77 22.52 16.24 3.44
C GLY D 77 23.83 16.19 4.22
N TYR D 78 23.77 16.52 5.50
CA TYR D 78 25.00 16.54 6.30
C TYR D 78 25.63 15.16 6.37
N LEU D 79 24.82 14.14 6.64
CA LEU D 79 25.32 12.77 6.70
C LEU D 79 25.55 12.16 5.33
N ASP D 80 25.44 12.96 4.26
CA ASP D 80 25.74 12.53 2.90
C ASP D 80 24.83 11.37 2.47
N PHE D 81 23.54 11.51 2.74
CA PHE D 81 22.60 10.49 2.32
C PHE D 81 21.76 10.98 1.14
N PRO D 82 21.43 10.10 0.20
CA PRO D 82 20.69 10.55 -0.99
C PRO D 82 19.25 10.95 -0.71
N SER D 83 18.70 10.60 0.44
CA SER D 83 17.29 10.90 0.71
C SER D 83 17.01 10.67 2.19
N LYS D 84 15.84 11.13 2.62
CA LYS D 84 15.41 10.92 4.00
C LYS D 84 15.16 9.44 4.27
N ALA D 85 14.52 8.73 3.33
CA ALA D 85 14.22 7.32 3.54
C ALA D 85 15.49 6.49 3.65
N LEU D 86 16.52 6.84 2.87
CA LEU D 86 17.78 6.10 2.98
C LEU D 86 18.49 6.40 4.29
N LEU D 87 18.28 7.59 4.85
CA LEU D 87 18.83 7.88 6.17
C LEU D 87 18.09 7.12 7.25
N ALA D 88 16.74 7.10 7.19
CA ALA D 88 15.96 6.38 8.18
C ALA D 88 16.27 4.88 8.14
N ASN D 89 16.55 4.35 6.95
CA ASN D 89 16.90 2.93 6.84
C ASN D 89 18.22 2.63 7.53
N LYS D 90 19.22 3.49 7.35
CA LYS D 90 20.51 3.26 7.99
C LYS D 90 20.42 3.34 9.50
N ILE D 91 19.59 4.25 10.01
CA ILE D 91 19.43 4.36 11.46
C ILE D 91 18.71 3.13 12.00
N THR D 92 17.70 2.65 11.28
CA THR D 92 17.00 1.43 11.70
C THR D 92 17.94 0.24 11.74
N GLU D 93 18.84 0.13 10.76
CA GLU D 93 19.78 -0.99 10.72
C GLU D 93 20.68 -0.99 11.95
N LEU D 94 21.32 0.16 12.25
CA LEU D 94 22.15 0.25 13.43
C LEU D 94 21.34 0.07 14.71
N LEU D 95 20.07 0.49 14.69
CA LEU D 95 19.20 0.27 15.84
C LEU D 95 19.01 -1.22 16.10
N LEU D 96 18.56 -1.96 15.09
CA LEU D 96 18.37 -3.40 15.25
C LEU D 96 19.69 -4.11 15.51
N LYS D 97 20.74 -3.69 14.81
CA LYS D 97 22.06 -4.29 15.02
C LYS D 97 22.49 -4.15 16.48
N GLU D 98 22.40 -2.94 17.03
CA GLU D 98 22.83 -2.73 18.41
C GLU D 98 21.86 -3.35 19.40
N LEU D 99 20.56 -3.19 19.17
CA LEU D 99 19.58 -3.67 20.14
C LEU D 99 19.66 -5.18 20.31
N GLU D 100 19.53 -5.93 19.21
CA GLU D 100 19.39 -7.38 19.33
C GLU D 100 20.68 -8.03 19.82
N ASN D 101 21.76 -7.90 19.06
CA ASN D 101 22.90 -8.80 19.23
C ASN D 101 23.79 -8.44 20.43
N PRO D 102 24.51 -7.29 20.41
CA PRO D 102 25.66 -7.14 21.31
C PRO D 102 25.30 -6.98 22.78
N ASP D 103 24.64 -5.88 23.15
CA ASP D 103 24.53 -5.55 24.57
C ASP D 103 23.15 -5.06 24.97
N MET D 104 22.11 -5.44 24.24
CA MET D 104 20.75 -5.07 24.64
C MET D 104 19.77 -6.23 24.63
N ARG D 105 20.14 -7.38 24.03
CA ARG D 105 19.37 -8.61 24.23
C ARG D 105 19.01 -8.81 25.69
N GLU D 106 19.88 -8.40 26.61
CA GLU D 106 19.62 -8.49 28.03
C GLU D 106 18.40 -7.65 28.43
N ILE D 107 18.48 -6.34 28.17
CA ILE D 107 17.37 -5.45 28.48
C ILE D 107 16.20 -5.68 27.54
N LEU D 108 16.47 -6.14 26.31
CA LEU D 108 15.39 -6.43 25.38
C LEU D 108 14.54 -7.60 25.87
N GLY D 109 15.20 -8.68 26.29
CA GLY D 109 14.49 -9.83 26.79
C GLY D 109 13.81 -10.65 25.72
N SER D 110 12.49 -10.78 25.80
CA SER D 110 11.72 -11.60 24.88
C SER D 110 10.95 -10.80 23.84
N ARG D 111 10.88 -9.48 23.97
CA ARG D 111 10.11 -8.68 23.05
C ARG D 111 10.73 -8.72 21.65
N LEU D 112 10.02 -8.15 20.68
CA LEU D 112 10.48 -8.10 19.30
C LEU D 112 11.06 -6.72 19.02
N ALA D 113 12.23 -6.69 18.37
CA ALA D 113 12.98 -5.46 18.25
C ALA D 113 12.22 -4.39 17.47
N THR D 114 11.49 -4.80 16.44
CA THR D 114 10.79 -3.82 15.60
C THR D 114 9.73 -3.07 16.39
N ASP D 115 8.94 -3.79 17.18
CA ASP D 115 7.90 -3.12 17.97
C ASP D 115 8.50 -2.23 19.06
N VAL D 116 9.68 -2.59 19.57
CA VAL D 116 10.31 -1.78 20.60
C VAL D 116 10.79 -0.46 20.01
N ILE D 117 11.40 -0.50 18.83
CA ILE D 117 11.90 0.72 18.20
C ILE D 117 10.75 1.67 17.91
N GLU D 118 9.68 1.17 17.29
CA GLU D 118 8.62 2.06 16.85
C GLU D 118 7.85 2.66 18.02
N GLU D 119 7.73 1.92 19.12
CA GLU D 119 7.04 2.46 20.29
C GLU D 119 7.87 3.55 20.95
N LEU D 120 9.17 3.30 21.14
CA LEU D 120 10.07 4.35 21.59
C LEU D 120 10.08 5.51 20.62
N GLU D 121 10.15 5.23 19.31
CA GLU D 121 10.01 6.26 18.30
C GLU D 121 8.72 7.05 18.50
N THR D 122 7.61 6.33 18.62
CA THR D 122 6.31 6.99 18.76
C THR D 122 6.20 7.71 20.10
N LYS D 123 6.77 7.14 21.15
CA LYS D 123 6.71 7.77 22.46
C LYS D 123 7.47 9.09 22.49
N ILE D 124 8.58 9.17 21.76
CA ILE D 124 9.32 10.42 21.65
C ILE D 124 8.51 11.44 20.86
N ILE D 125 8.03 11.04 19.68
CA ILE D 125 7.27 11.96 18.84
C ILE D 125 6.02 12.44 19.56
N ARG D 126 5.34 11.54 20.27
CA ARG D 126 4.17 11.95 21.04
C ARG D 126 4.57 12.91 22.16
N TYR D 127 5.76 12.73 22.73
CA TYR D 127 6.24 13.69 23.72
C TYR D 127 6.58 15.04 23.08
N ILE D 128 7.25 15.01 21.93
CA ILE D 128 7.65 16.27 21.28
C ILE D 128 6.41 17.08 20.90
N HIS D 129 5.37 16.41 20.42
CA HIS D 129 4.16 17.12 20.00
C HIS D 129 3.35 17.61 21.20
N ASN D 130 3.44 16.92 22.34
CA ASN D 130 2.72 17.32 23.54
C ASN D 130 3.55 16.92 24.75
N PRO D 131 4.50 17.78 25.16
CA PRO D 131 5.37 17.42 26.28
C PRO D 131 4.65 17.33 27.62
N ALA D 132 3.45 17.88 27.73
CA ALA D 132 2.73 17.88 28.99
C ALA D 132 2.11 16.53 29.31
N GLY D 133 1.91 15.67 28.31
CA GLY D 133 1.22 14.42 28.49
C GLY D 133 2.09 13.18 28.56
N SER D 134 3.41 13.33 28.62
CA SER D 134 4.31 12.19 28.61
C SER D 134 5.51 12.46 29.50
N ASP D 135 5.96 11.41 30.19
CA ASP D 135 7.21 11.41 30.94
C ASP D 135 8.16 10.53 30.16
N ILE D 136 8.86 11.14 29.19
CA ILE D 136 9.74 10.38 28.32
C ILE D 136 11.02 9.97 29.04
N HIS D 137 11.37 10.65 30.13
CA HIS D 137 12.58 10.27 30.87
C HIS D 137 12.46 8.86 31.44
N SER D 138 11.34 8.57 32.10
CA SER D 138 11.16 7.24 32.68
C SER D 138 11.19 6.16 31.62
N THR D 139 10.66 6.47 30.43
CA THR D 139 10.67 5.49 29.35
C THR D 139 12.08 5.26 28.82
N LEU D 140 12.82 6.35 28.60
CA LEU D 140 14.16 6.23 28.04
C LEU D 140 15.21 5.82 29.07
N ASN D 141 14.91 5.94 30.36
CA ASN D 141 15.89 5.59 31.38
C ASN D 141 15.96 4.09 31.66
N LEU D 142 15.04 3.29 31.10
CA LEU D 142 15.12 1.85 31.22
C LEU D 142 16.23 1.25 30.39
N TRP D 143 16.96 2.06 29.62
CA TRP D 143 18.03 1.59 28.75
C TRP D 143 19.41 2.10 29.18
N THR D 144 19.51 2.65 30.39
CA THR D 144 20.79 2.99 30.98
C THR D 144 21.14 1.95 32.06
N ALA D 145 22.32 2.12 32.65
CA ALA D 145 22.84 1.20 33.66
C ALA D 145 22.79 -0.24 33.16
N ASP D 146 23.58 -0.49 32.11
CA ASP D 146 23.61 -1.79 31.45
C ASP D 146 23.98 -2.92 32.41
#